data_4G1Y
#
_entry.id   4G1Y
#
_cell.length_a   65.559
_cell.length_b   65.559
_cell.length_c   263.876
_cell.angle_alpha   90.00
_cell.angle_beta   90.00
_cell.angle_gamma   120.00
#
_symmetry.space_group_name_H-M   'P 65 2 2'
#
loop_
_entity.id
_entity.type
_entity.pdbx_description
1 polymer 'Vitamin D3 receptor A'
2 polymer 'Nuclear receptor coactivator 1'
3 non-polymer (4E,6Z)-7-(3-{[3,4-bis(hydroxymethyl)benzyl]oxy}phenyl)-3-ethylnona-4,6-dien-3-ol
4 water water
#
loop_
_entity_poly.entity_id
_entity_poly.type
_entity_poly.pdbx_seq_one_letter_code
_entity_poly.pdbx_strand_id
1 'polypeptide(L)'
;HMLSDEQMQIINSLVEAHHKTYDDSYSDFVRFRPPVREGPVTRSASRAASLHSLSDASSDSFNHSPESVDTKLNFSNLLM
MYQDSGSPDSSEEDQQSRLSMLPHLADLVSYSIQKVIGFAKMIPGFRDLTAEDQIALLKSSAIEIIMLRSNQSFSLEDMS
WSCGGPDFKYCINDVTKAGHTLELLEPLVKFQVGLKKLKLHEEEHVLLMAICLLSPDRPGVQDHVRIEALQDRLCDVLQA
YIRIQHPGGRLLYAKMIQKLADLRSLNEEHSKQYRSLSFQPEHSMQLTPLVLEVFGSEVS
;
A
2 'polypeptide(L)' RHKILHRLLQEGSPS B
#
# COMPACT_ATOMS: atom_id res chain seq x y z
N HIS A 1 -13.43 19.06 21.39
CA HIS A 1 -13.18 20.10 20.35
C HIS A 1 -13.76 19.64 19.01
N MET A 2 -13.20 20.13 17.90
CA MET A 2 -13.68 19.74 16.57
C MET A 2 -12.67 20.07 15.49
N LEU A 3 -12.82 19.42 14.34
CA LEU A 3 -11.93 19.60 13.19
C LEU A 3 -12.17 20.93 12.48
N SER A 4 -11.12 21.42 11.81
CA SER A 4 -11.17 22.68 11.08
C SER A 4 -11.45 22.44 9.61
N ASP A 5 -11.60 23.53 8.85
CA ASP A 5 -11.87 23.43 7.42
C ASP A 5 -10.74 22.74 6.67
N GLU A 6 -9.52 23.26 6.80
CA GLU A 6 -8.37 22.68 6.12
C GLU A 6 -8.24 21.20 6.48
N GLN A 7 -8.51 20.88 7.74
CA GLN A 7 -8.43 19.50 8.21
C GLN A 7 -9.48 18.61 7.60
N MET A 8 -10.72 19.08 7.60
CA MET A 8 -11.82 18.34 7.04
C MET A 8 -11.66 18.22 5.53
N GLN A 9 -11.10 19.25 4.90
CA GLN A 9 -10.90 19.24 3.46
C GLN A 9 -9.88 18.18 3.05
N ILE A 10 -8.86 18.00 3.89
CA ILE A 10 -7.84 16.99 3.63
C ILE A 10 -8.54 15.63 3.65
N ILE A 11 -9.46 15.47 4.58
CA ILE A 11 -10.20 14.22 4.70
C ILE A 11 -11.07 13.97 3.47
N ASN A 12 -11.75 15.00 2.96
CA ASN A 12 -12.59 14.83 1.79
C ASN A 12 -11.75 14.45 0.57
N SER A 13 -10.58 15.05 0.43
CA SER A 13 -9.71 14.77 -0.70
C SER A 13 -9.21 13.33 -0.64
N LEU A 14 -8.68 12.95 0.52
CA LEU A 14 -8.17 11.61 0.72
C LEU A 14 -9.24 10.53 0.52
N VAL A 15 -10.40 10.73 1.13
CA VAL A 15 -11.47 9.76 1.03
C VAL A 15 -12.06 9.65 -0.38
N GLU A 16 -12.09 10.77 -1.11
CA GLU A 16 -12.61 10.75 -2.48
C GLU A 16 -11.63 10.12 -3.44
N ALA A 17 -10.34 10.28 -3.16
CA ALA A 17 -9.27 9.73 -3.98
C ALA A 17 -9.18 8.21 -3.78
N HIS A 18 -9.43 7.75 -2.56
CA HIS A 18 -9.37 6.31 -2.31
C HIS A 18 -10.51 5.62 -3.05
N HIS A 19 -11.66 6.29 -3.10
CA HIS A 19 -12.83 5.76 -3.79
C HIS A 19 -12.57 5.75 -5.29
N LYS A 20 -11.85 6.75 -5.75
CA LYS A 20 -11.51 6.89 -7.16
C LYS A 20 -10.45 5.90 -7.62
N THR A 21 -9.78 5.25 -6.69
CA THR A 21 -8.72 4.30 -7.04
C THR A 21 -8.85 2.91 -6.44
N TYR A 22 -10.03 2.59 -5.92
CA TYR A 22 -10.26 1.28 -5.35
C TYR A 22 -11.68 0.81 -5.67
N ASP A 23 -11.79 -0.41 -6.17
CA ASP A 23 -13.08 -1.00 -6.53
C ASP A 23 -13.38 -2.25 -5.70
N ASP A 24 -14.38 -2.15 -4.83
CA ASP A 24 -14.76 -3.27 -3.95
C ASP A 24 -15.34 -4.47 -4.68
N SER A 25 -15.33 -4.42 -6.01
CA SER A 25 -15.84 -5.53 -6.81
C SER A 25 -14.68 -6.20 -7.55
N TYR A 26 -13.58 -5.46 -7.73
CA TYR A 26 -12.38 -5.98 -8.41
C TYR A 26 -12.66 -6.42 -9.85
N SER A 27 -13.49 -5.64 -10.54
CA SER A 27 -13.89 -5.93 -11.91
C SER A 27 -12.76 -5.97 -12.93
N ASP A 28 -11.61 -5.39 -12.57
CA ASP A 28 -10.48 -5.35 -13.48
C ASP A 28 -9.57 -6.57 -13.38
N PHE A 29 -9.85 -7.43 -12.41
CA PHE A 29 -9.06 -8.65 -12.20
C PHE A 29 -9.19 -9.67 -13.32
N VAL A 30 -10.22 -9.55 -14.14
CA VAL A 30 -10.41 -10.49 -15.24
C VAL A 30 -9.43 -10.17 -16.36
N ARG A 31 -8.93 -8.94 -16.35
CA ARG A 31 -7.98 -8.53 -17.38
C ARG A 31 -6.55 -8.94 -17.03
N PHE A 32 -6.37 -9.53 -15.86
CA PHE A 32 -5.05 -10.00 -15.42
C PHE A 32 -4.79 -11.35 -16.07
N ARG A 33 -3.53 -11.76 -16.10
CA ARG A 33 -3.20 -13.07 -16.64
C ARG A 33 -3.83 -13.99 -15.59
N PRO A 34 -4.70 -14.91 -16.01
CA PRO A 34 -5.38 -15.85 -15.12
C PRO A 34 -4.50 -16.53 -14.07
N PRO A 35 -5.06 -16.82 -12.89
CA PRO A 35 -4.29 -17.47 -11.82
C PRO A 35 -4.19 -18.98 -12.08
N VAL A 36 -3.21 -19.62 -11.45
CA VAL A 36 -3.02 -21.06 -11.61
C VAL A 36 -2.50 -21.68 -10.33
N ARG A 37 -3.27 -22.60 -9.75
CA ARG A 37 -2.86 -23.27 -8.51
C ARG A 37 -2.25 -24.63 -8.81
N ARG A 98 6.48 -24.31 -8.91
CA ARG A 98 7.12 -23.68 -10.05
C ARG A 98 6.69 -22.22 -10.24
N LEU A 99 6.04 -21.66 -9.22
CA LEU A 99 5.58 -20.28 -9.23
C LEU A 99 4.48 -20.05 -10.27
N SER A 100 3.46 -20.90 -10.22
CA SER A 100 2.34 -20.84 -11.14
C SER A 100 1.47 -19.60 -10.93
N MET A 101 1.50 -19.06 -9.72
CA MET A 101 0.71 -17.88 -9.38
C MET A 101 1.42 -16.56 -9.70
N LEU A 102 2.68 -16.63 -10.12
CA LEU A 102 3.45 -15.43 -10.39
C LEU A 102 2.79 -14.47 -11.39
N PRO A 103 2.46 -14.94 -12.60
CA PRO A 103 1.83 -14.07 -13.61
C PRO A 103 0.62 -13.28 -13.12
N HIS A 104 -0.28 -13.93 -12.39
CA HIS A 104 -1.48 -13.25 -11.90
C HIS A 104 -1.18 -12.20 -10.82
N LEU A 105 -0.32 -12.54 -9.87
CA LEU A 105 0.03 -11.62 -8.81
C LEU A 105 0.92 -10.48 -9.28
N ALA A 106 1.65 -10.69 -10.36
CA ALA A 106 2.49 -9.63 -10.88
C ALA A 106 1.55 -8.59 -11.44
N ASP A 107 0.50 -9.06 -12.12
CA ASP A 107 -0.49 -8.16 -12.70
C ASP A 107 -1.34 -7.52 -11.60
N LEU A 108 -1.59 -8.26 -10.53
CA LEU A 108 -2.38 -7.71 -9.43
C LEU A 108 -1.58 -6.59 -8.78
N VAL A 109 -0.28 -6.83 -8.57
CA VAL A 109 0.60 -5.85 -7.96
C VAL A 109 0.91 -4.68 -8.90
N SER A 110 1.04 -4.97 -10.20
CA SER A 110 1.31 -3.89 -11.14
C SER A 110 0.09 -2.97 -11.16
N TYR A 111 -1.09 -3.58 -11.17
CA TYR A 111 -2.36 -2.86 -11.19
C TYR A 111 -2.48 -1.95 -9.97
N SER A 112 -2.19 -2.51 -8.80
CA SER A 112 -2.27 -1.77 -7.56
C SER A 112 -1.37 -0.55 -7.55
N ILE A 113 -0.13 -0.74 -7.98
CA ILE A 113 0.85 0.35 -8.04
C ILE A 113 0.28 1.57 -8.78
N GLN A 114 -0.40 1.34 -9.89
CA GLN A 114 -0.97 2.42 -10.67
C GLN A 114 -2.04 3.13 -9.85
N LYS A 115 -2.78 2.35 -9.08
CA LYS A 115 -3.84 2.87 -8.23
C LYS A 115 -3.28 3.67 -7.07
N VAL A 116 -2.13 3.25 -6.55
CA VAL A 116 -1.50 3.95 -5.44
C VAL A 116 -0.93 5.27 -5.97
N ILE A 117 -0.48 5.28 -7.22
CA ILE A 117 0.05 6.49 -7.83
C ILE A 117 -1.08 7.48 -8.05
N GLY A 118 -2.23 6.96 -8.51
CA GLY A 118 -3.38 7.82 -8.73
C GLY A 118 -3.85 8.40 -7.40
N PHE A 119 -3.74 7.61 -6.35
CA PHE A 119 -4.13 8.04 -5.03
C PHE A 119 -3.12 9.05 -4.48
N ALA A 120 -1.84 8.72 -4.60
CA ALA A 120 -0.77 9.59 -4.11
C ALA A 120 -0.78 10.98 -4.72
N LYS A 121 -1.08 11.07 -6.01
CA LYS A 121 -1.12 12.37 -6.68
C LYS A 121 -2.21 13.25 -6.11
N MET A 122 -3.15 12.63 -5.39
CA MET A 122 -4.26 13.38 -4.81
C MET A 122 -4.11 13.71 -3.32
N ILE A 123 -3.02 13.27 -2.72
CA ILE A 123 -2.75 13.57 -1.31
C ILE A 123 -2.33 15.03 -1.27
N PRO A 124 -2.89 15.82 -0.34
CA PRO A 124 -2.54 17.24 -0.23
C PRO A 124 -1.08 17.54 0.14
N GLY A 125 -0.34 18.09 -0.83
CA GLY A 125 1.06 18.42 -0.61
C GLY A 125 2.03 17.59 -1.42
N PHE A 126 1.58 16.43 -1.87
CA PHE A 126 2.40 15.51 -2.66
C PHE A 126 2.82 16.14 -3.99
N ARG A 127 1.84 16.59 -4.76
CA ARG A 127 2.08 17.19 -6.06
C ARG A 127 3.19 18.25 -6.02
N ASP A 128 3.31 18.96 -4.90
CA ASP A 128 4.32 20.01 -4.76
C ASP A 128 5.75 19.48 -4.67
N LEU A 129 5.92 18.35 -3.99
CA LEU A 129 7.25 17.77 -3.84
C LEU A 129 7.87 17.62 -5.23
N THR A 130 9.19 17.48 -5.28
CA THR A 130 9.89 17.32 -6.55
C THR A 130 9.65 15.92 -7.12
N ALA A 131 9.80 15.78 -8.44
CA ALA A 131 9.59 14.51 -9.10
C ALA A 131 10.39 13.37 -8.49
N GLU A 132 11.57 13.70 -7.97
CA GLU A 132 12.44 12.70 -7.36
C GLU A 132 11.93 12.22 -6.01
N ASP A 133 11.33 13.12 -5.23
CA ASP A 133 10.80 12.75 -3.93
C ASP A 133 9.50 11.97 -4.09
N GLN A 134 8.69 12.37 -5.07
CA GLN A 134 7.44 11.68 -5.32
C GLN A 134 7.79 10.23 -5.67
N ILE A 135 8.84 10.08 -6.47
CA ILE A 135 9.31 8.77 -6.88
C ILE A 135 9.97 8.00 -5.73
N ALA A 136 10.80 8.69 -4.95
CA ALA A 136 11.47 8.06 -3.82
C ALA A 136 10.48 7.49 -2.81
N LEU A 137 9.43 8.26 -2.54
CA LEU A 137 8.39 7.84 -1.61
C LEU A 137 7.60 6.65 -2.15
N LEU A 138 7.19 6.73 -3.41
CA LEU A 138 6.45 5.65 -4.03
C LEU A 138 7.26 4.37 -4.09
N LYS A 139 8.46 4.46 -4.65
CA LYS A 139 9.33 3.30 -4.77
C LYS A 139 9.61 2.56 -3.47
N SER A 140 9.59 3.26 -2.34
CA SER A 140 9.88 2.62 -1.06
C SER A 140 8.67 2.36 -0.16
N SER A 141 7.52 2.92 -0.50
CA SER A 141 6.33 2.71 0.31
C SER A 141 5.26 1.93 -0.44
N ALA A 142 5.46 1.75 -1.73
CA ALA A 142 4.50 1.03 -2.59
C ALA A 142 4.02 -0.27 -1.97
N ILE A 143 4.95 -1.20 -1.77
CA ILE A 143 4.63 -2.51 -1.21
C ILE A 143 3.81 -2.41 0.08
N GLU A 144 4.13 -1.41 0.90
CA GLU A 144 3.42 -1.22 2.17
C GLU A 144 2.01 -0.67 1.98
N ILE A 145 1.85 0.25 1.03
CA ILE A 145 0.54 0.82 0.78
C ILE A 145 -0.37 -0.25 0.20
N ILE A 146 0.21 -1.14 -0.59
CA ILE A 146 -0.54 -2.24 -1.19
C ILE A 146 -1.03 -3.18 -0.10
N MET A 147 -0.15 -3.50 0.86
CA MET A 147 -0.51 -4.38 1.96
C MET A 147 -1.63 -3.78 2.80
N LEU A 148 -1.62 -2.45 2.92
CA LEU A 148 -2.63 -1.74 3.69
C LEU A 148 -4.00 -1.72 3.00
N ARG A 149 -4.00 -1.39 1.71
CA ARG A 149 -5.23 -1.32 0.95
C ARG A 149 -5.78 -2.70 0.64
N SER A 150 -4.92 -3.71 0.72
CA SER A 150 -5.32 -5.09 0.45
C SER A 150 -6.14 -5.66 1.61
N ASN A 151 -6.01 -5.04 2.77
CA ASN A 151 -6.72 -5.47 3.97
C ASN A 151 -8.23 -5.37 3.75
N GLN A 152 -8.65 -4.42 2.93
CA GLN A 152 -10.06 -4.20 2.62
C GLN A 152 -10.76 -5.47 2.10
N SER A 153 -9.99 -6.36 1.48
CA SER A 153 -10.53 -7.60 0.93
C SER A 153 -10.18 -8.81 1.80
N PHE A 154 -9.37 -8.59 2.83
CA PHE A 154 -8.97 -9.67 3.73
C PHE A 154 -10.19 -10.11 4.52
N SER A 155 -10.22 -11.38 4.89
CA SER A 155 -11.33 -11.91 5.67
C SER A 155 -10.83 -12.73 6.83
N LEU A 156 -11.10 -12.26 8.05
CA LEU A 156 -10.67 -12.96 9.26
C LEU A 156 -11.25 -14.37 9.32
N GLU A 157 -12.34 -14.60 8.59
CA GLU A 157 -12.95 -15.92 8.55
C GLU A 157 -12.02 -16.92 7.88
N ASP A 158 -11.93 -16.85 6.55
CA ASP A 158 -11.08 -17.75 5.79
C ASP A 158 -9.59 -17.41 5.85
N MET A 159 -9.26 -16.27 6.44
CA MET A 159 -7.86 -15.83 6.54
C MET A 159 -7.26 -15.65 5.15
N SER A 160 -8.06 -15.12 4.24
CA SER A 160 -7.62 -14.91 2.87
C SER A 160 -8.22 -13.65 2.26
N TRP A 161 -7.58 -13.19 1.18
CA TRP A 161 -8.03 -12.01 0.46
C TRP A 161 -9.10 -12.48 -0.52
N SER A 162 -10.35 -12.15 -0.25
CA SER A 162 -11.44 -12.57 -1.12
C SER A 162 -11.77 -11.49 -2.13
N CYS A 163 -11.28 -11.65 -3.36
CA CYS A 163 -11.51 -10.67 -4.41
C CYS A 163 -12.48 -11.17 -5.47
N GLY A 164 -12.73 -12.48 -5.45
CA GLY A 164 -13.64 -13.08 -6.41
C GLY A 164 -14.01 -14.47 -5.99
N GLY A 165 -14.56 -15.26 -6.92
CA GLY A 165 -14.94 -16.63 -6.61
C GLY A 165 -13.76 -17.45 -6.17
N PRO A 166 -13.79 -18.79 -6.31
CA PRO A 166 -12.64 -19.60 -5.89
C PRO A 166 -11.37 -19.15 -6.61
N ASP A 167 -11.57 -18.51 -7.77
CA ASP A 167 -10.50 -18.00 -8.61
C ASP A 167 -9.68 -16.87 -7.98
N PHE A 168 -10.34 -15.77 -7.60
CA PHE A 168 -9.65 -14.63 -7.02
C PHE A 168 -9.67 -14.55 -5.49
N LYS A 169 -9.86 -15.68 -4.81
CA LYS A 169 -9.84 -15.66 -3.35
C LYS A 169 -8.49 -16.25 -2.97
N TYR A 170 -7.50 -15.38 -2.76
CA TYR A 170 -6.14 -15.77 -2.46
C TYR A 170 -5.80 -16.21 -1.04
N CYS A 171 -5.19 -17.39 -0.93
CA CYS A 171 -4.78 -17.98 0.35
C CYS A 171 -3.30 -17.70 0.55
N ILE A 172 -2.74 -18.16 1.67
CA ILE A 172 -1.32 -17.95 1.94
C ILE A 172 -0.48 -18.80 0.99
N ASN A 173 -0.99 -19.99 0.67
CA ASN A 173 -0.31 -20.91 -0.23
C ASN A 173 -0.20 -20.32 -1.63
N ASP A 174 -1.26 -19.65 -2.07
CA ASP A 174 -1.28 -19.05 -3.40
C ASP A 174 -0.15 -18.04 -3.61
N VAL A 175 0.23 -17.35 -2.54
CA VAL A 175 1.32 -16.38 -2.61
C VAL A 175 2.66 -17.09 -2.56
N THR A 176 2.66 -18.32 -2.06
CA THR A 176 3.88 -19.12 -2.00
C THR A 176 4.25 -19.49 -3.44
N LYS A 177 3.20 -19.63 -4.27
CA LYS A 177 3.38 -19.97 -5.68
C LYS A 177 3.78 -18.73 -6.47
N ALA A 178 4.07 -17.65 -5.75
CA ALA A 178 4.49 -16.40 -6.38
C ALA A 178 5.98 -16.24 -6.11
N GLY A 179 6.50 -17.04 -5.19
CA GLY A 179 7.91 -16.99 -4.86
C GLY A 179 8.19 -16.53 -3.45
N HIS A 180 7.14 -16.40 -2.64
CA HIS A 180 7.33 -15.97 -1.25
C HIS A 180 7.22 -17.14 -0.28
N THR A 181 7.81 -16.97 0.91
CA THR A 181 7.79 -18.01 1.93
C THR A 181 6.99 -17.55 3.14
N LEU A 182 6.83 -18.45 4.10
CA LEU A 182 6.08 -18.15 5.32
C LEU A 182 6.78 -17.09 6.16
N GLU A 183 8.10 -17.00 6.02
CA GLU A 183 8.89 -16.02 6.78
C GLU A 183 8.35 -14.61 6.54
N LEU A 184 7.60 -14.44 5.46
CA LEU A 184 6.99 -13.16 5.11
C LEU A 184 5.49 -13.30 5.21
N LEU A 185 4.97 -14.35 4.58
CA LEU A 185 3.54 -14.64 4.55
C LEU A 185 2.91 -14.83 5.92
N GLU A 186 3.68 -15.31 6.88
CA GLU A 186 3.17 -15.52 8.23
C GLU A 186 2.88 -14.18 8.93
N PRO A 187 3.90 -13.31 9.07
CA PRO A 187 3.67 -12.02 9.73
C PRO A 187 2.67 -11.17 8.96
N LEU A 188 2.65 -11.34 7.64
CA LEU A 188 1.75 -10.59 6.79
C LEU A 188 0.32 -10.83 7.23
N VAL A 189 -0.06 -12.10 7.38
CA VAL A 189 -1.41 -12.44 7.80
C VAL A 189 -1.67 -11.96 9.21
N LYS A 190 -0.67 -12.07 10.07
CA LYS A 190 -0.80 -11.62 11.46
C LYS A 190 -1.08 -10.11 11.46
N PHE A 191 -0.40 -9.39 10.57
CA PHE A 191 -0.58 -7.96 10.43
C PHE A 191 -1.96 -7.69 9.84
N GLN A 192 -2.34 -8.48 8.84
CA GLN A 192 -3.65 -8.33 8.21
C GLN A 192 -4.77 -8.50 9.22
N VAL A 193 -4.60 -9.47 10.12
CA VAL A 193 -5.58 -9.75 11.17
C VAL A 193 -5.60 -8.64 12.21
N GLY A 194 -4.42 -8.34 12.74
CA GLY A 194 -4.30 -7.29 13.75
C GLY A 194 -4.90 -5.98 13.28
N LEU A 195 -4.80 -5.72 11.98
CA LEU A 195 -5.32 -4.49 11.39
C LEU A 195 -6.83 -4.55 11.19
N LYS A 196 -7.31 -5.67 10.65
CA LYS A 196 -8.73 -5.86 10.41
C LYS A 196 -9.54 -5.63 11.68
N LYS A 197 -9.03 -6.16 12.80
CA LYS A 197 -9.66 -6.03 14.11
C LYS A 197 -9.79 -4.59 14.59
N LEU A 198 -9.02 -3.68 14.01
CA LEU A 198 -9.10 -2.28 14.42
C LEU A 198 -10.30 -1.59 13.81
N LYS A 199 -11.14 -2.35 13.10
CA LYS A 199 -12.34 -1.82 12.44
C LYS A 199 -12.28 -0.32 12.18
N LEU A 200 -11.19 0.11 11.54
CA LEU A 200 -10.96 1.52 11.22
C LEU A 200 -12.08 2.11 10.40
N HIS A 201 -12.24 3.43 10.51
CA HIS A 201 -13.25 4.12 9.72
C HIS A 201 -12.56 4.35 8.38
N GLU A 202 -13.35 4.59 7.34
CA GLU A 202 -12.80 4.83 6.03
C GLU A 202 -11.86 6.04 6.02
N GLU A 203 -12.10 6.96 6.95
CA GLU A 203 -11.28 8.17 7.07
C GLU A 203 -9.96 7.92 7.78
N GLU A 204 -9.92 6.87 8.60
CA GLU A 204 -8.72 6.53 9.35
C GLU A 204 -7.84 5.62 8.50
N HIS A 205 -8.46 4.77 7.69
CA HIS A 205 -7.74 3.87 6.81
C HIS A 205 -7.07 4.69 5.72
N VAL A 206 -7.83 5.63 5.15
CA VAL A 206 -7.34 6.50 4.09
C VAL A 206 -6.22 7.42 4.59
N LEU A 207 -6.35 7.90 5.82
CA LEU A 207 -5.33 8.79 6.41
C LEU A 207 -4.09 7.99 6.72
N LEU A 208 -4.27 6.76 7.19
CA LEU A 208 -3.14 5.89 7.51
C LEU A 208 -2.27 5.63 6.30
N MET A 209 -2.88 5.45 5.13
CA MET A 209 -2.11 5.21 3.91
C MET A 209 -1.37 6.48 3.53
N ALA A 210 -2.07 7.62 3.59
CA ALA A 210 -1.48 8.90 3.24
C ALA A 210 -0.28 9.21 4.16
N ILE A 211 -0.39 8.75 5.39
CA ILE A 211 0.67 8.96 6.38
C ILE A 211 1.85 8.04 6.09
N CYS A 212 1.54 6.80 5.76
CA CYS A 212 2.55 5.79 5.45
C CYS A 212 3.36 6.20 4.21
N LEU A 213 2.69 6.85 3.28
CA LEU A 213 3.34 7.28 2.03
C LEU A 213 4.13 8.57 2.18
N LEU A 214 3.94 9.26 3.31
CA LEU A 214 4.66 10.51 3.54
C LEU A 214 5.73 10.38 4.60
N SER A 215 6.33 9.20 4.68
CA SER A 215 7.39 8.98 5.65
C SER A 215 8.63 9.66 5.09
N PRO A 216 9.21 10.61 5.83
CA PRO A 216 10.41 11.31 5.38
C PRO A 216 11.64 10.41 5.51
N ASP A 217 11.46 9.29 6.21
CA ASP A 217 12.54 8.34 6.44
C ASP A 217 12.57 7.20 5.42
N ARG A 218 12.64 7.57 4.15
CA ARG A 218 12.67 6.60 3.06
C ARG A 218 13.99 6.75 2.31
N PRO A 219 14.61 5.62 1.92
CA PRO A 219 15.88 5.65 1.20
C PRO A 219 15.77 6.31 -0.19
N GLY A 220 16.12 7.60 -0.24
CA GLY A 220 16.07 8.31 -1.50
C GLY A 220 15.50 9.71 -1.40
N VAL A 221 14.78 9.97 -0.31
CA VAL A 221 14.18 11.28 -0.11
C VAL A 221 15.24 12.33 0.20
N GLN A 222 15.21 13.44 -0.53
CA GLN A 222 16.16 14.51 -0.30
C GLN A 222 15.54 15.63 0.52
N ASP A 223 14.36 16.10 0.11
CA ASP A 223 13.66 17.16 0.81
C ASP A 223 12.95 16.58 2.02
N HIS A 224 13.62 15.66 2.70
CA HIS A 224 13.06 14.98 3.86
C HIS A 224 12.52 15.89 4.95
N VAL A 225 12.50 17.20 4.69
CA VAL A 225 12.00 18.15 5.68
C VAL A 225 10.55 18.52 5.42
N ARG A 226 10.20 18.79 4.17
CA ARG A 226 8.82 19.14 3.84
C ARG A 226 7.96 17.89 3.88
N ILE A 227 8.57 16.75 3.54
CA ILE A 227 7.86 15.48 3.56
C ILE A 227 7.52 15.17 5.02
N GLU A 228 8.46 15.50 5.90
CA GLU A 228 8.28 15.31 7.34
C GLU A 228 7.12 16.17 7.80
N ALA A 229 7.08 17.40 7.29
CA ALA A 229 6.04 18.36 7.65
C ALA A 229 4.64 17.93 7.21
N LEU A 230 4.51 17.48 5.95
CA LEU A 230 3.24 17.05 5.42
C LEU A 230 2.68 15.86 6.17
N GLN A 231 3.57 15.03 6.70
CA GLN A 231 3.15 13.85 7.44
C GLN A 231 2.64 14.20 8.83
N ASP A 232 3.19 15.26 9.41
CA ASP A 232 2.77 15.69 10.75
C ASP A 232 1.39 16.35 10.66
N ARG A 233 1.16 17.06 9.57
CA ARG A 233 -0.11 17.74 9.36
C ARG A 233 -1.23 16.71 9.18
N LEU A 234 -0.84 15.51 8.70
CA LEU A 234 -1.80 14.42 8.49
C LEU A 234 -2.02 13.60 9.77
N CYS A 235 -0.96 13.38 10.53
CA CYS A 235 -1.07 12.63 11.79
C CYS A 235 -1.97 13.41 12.74
N ASP A 236 -2.13 14.69 12.44
CA ASP A 236 -2.95 15.58 13.24
C ASP A 236 -4.41 15.36 12.89
N VAL A 237 -4.72 15.44 11.61
CA VAL A 237 -6.08 15.24 11.16
C VAL A 237 -6.56 13.88 11.68
N LEU A 238 -5.64 12.92 11.76
CA LEU A 238 -5.98 11.58 12.22
C LEU A 238 -6.20 11.53 13.73
N GLN A 239 -5.29 12.13 14.48
CA GLN A 239 -5.38 12.16 15.92
C GLN A 239 -6.60 12.96 16.38
N ALA A 240 -6.88 14.03 15.65
CA ALA A 240 -8.03 14.87 15.96
C ALA A 240 -9.31 14.14 15.59
N TYR A 241 -9.25 13.35 14.52
CA TYR A 241 -10.41 12.60 14.06
C TYR A 241 -10.77 11.43 14.99
N ILE A 242 -9.76 10.69 15.42
CA ILE A 242 -9.99 9.56 16.32
C ILE A 242 -10.59 10.08 17.62
N ARG A 243 -10.07 11.21 18.10
CA ARG A 243 -10.49 11.84 19.35
C ARG A 243 -11.85 12.55 19.31
N ILE A 244 -12.25 13.01 18.14
CA ILE A 244 -13.51 13.71 18.00
C ILE A 244 -14.62 12.87 17.40
N GLN A 245 -14.26 12.06 16.41
CA GLN A 245 -15.22 11.24 15.69
C GLN A 245 -15.25 9.74 15.94
N HIS A 246 -14.21 9.19 16.56
CA HIS A 246 -14.19 7.74 16.79
C HIS A 246 -14.41 7.32 18.23
N PRO A 247 -15.64 6.96 18.57
CA PRO A 247 -16.00 6.53 19.93
C PRO A 247 -15.22 5.28 20.37
N GLY A 248 -14.25 5.48 21.26
CA GLY A 248 -13.46 4.36 21.76
C GLY A 248 -12.03 4.32 21.25
N GLY A 249 -11.61 5.37 20.54
CA GLY A 249 -10.27 5.39 20.01
C GLY A 249 -9.22 5.97 20.93
N ARG A 250 -9.34 5.71 22.22
CA ARG A 250 -8.38 6.23 23.19
C ARG A 250 -6.98 5.64 22.93
N LEU A 251 -6.93 4.34 22.63
CA LEU A 251 -5.66 3.68 22.37
C LEU A 251 -5.37 3.57 20.86
N LEU A 252 -6.42 3.71 20.07
CA LEU A 252 -6.34 3.59 18.61
C LEU A 252 -5.15 4.24 17.90
N TYR A 253 -5.07 5.57 17.92
CA TYR A 253 -3.98 6.27 17.25
C TYR A 253 -2.63 5.59 17.43
N ALA A 254 -2.35 5.13 18.65
CA ALA A 254 -1.08 4.46 18.94
C ALA A 254 -0.96 3.13 18.22
N LYS A 255 -2.05 2.36 18.19
CA LYS A 255 -2.06 1.06 17.53
C LYS A 255 -1.84 1.26 16.04
N MET A 256 -2.41 2.33 15.49
CA MET A 256 -2.27 2.63 14.08
C MET A 256 -0.83 2.98 13.73
N ILE A 257 -0.21 3.80 14.57
CA ILE A 257 1.18 4.18 14.36
C ILE A 257 2.06 2.94 14.47
N GLN A 258 1.62 1.99 15.30
CA GLN A 258 2.37 0.76 15.49
C GLN A 258 2.29 -0.13 14.25
N LYS A 259 1.13 -0.13 13.59
CA LYS A 259 0.94 -0.92 12.38
C LYS A 259 1.95 -0.45 11.33
N LEU A 260 2.27 0.84 11.38
CA LEU A 260 3.22 1.43 10.44
C LEU A 260 4.61 0.85 10.65
N ALA A 261 4.92 0.49 11.90
CA ALA A 261 6.21 -0.08 12.22
C ALA A 261 6.28 -1.54 11.75
N ASP A 262 5.15 -2.25 11.86
CA ASP A 262 5.11 -3.64 11.43
C ASP A 262 5.28 -3.71 9.93
N LEU A 263 4.84 -2.67 9.24
CA LEU A 263 4.95 -2.60 7.79
C LEU A 263 6.40 -2.47 7.36
N ARG A 264 7.25 -1.91 8.21
CA ARG A 264 8.66 -1.78 7.87
C ARG A 264 9.29 -3.17 7.87
N SER A 265 8.95 -3.98 8.88
CA SER A 265 9.47 -5.34 8.95
C SER A 265 9.02 -6.09 7.71
N LEU A 266 7.73 -5.96 7.38
CA LEU A 266 7.15 -6.62 6.23
C LEU A 266 7.75 -6.13 4.93
N ASN A 267 7.83 -4.80 4.80
CA ASN A 267 8.38 -4.17 3.61
C ASN A 267 9.82 -4.60 3.44
N GLU A 268 10.48 -4.87 4.56
CA GLU A 268 11.88 -5.28 4.55
C GLU A 268 12.04 -6.72 4.05
N GLU A 269 11.32 -7.64 4.68
CA GLU A 269 11.36 -9.05 4.32
C GLU A 269 10.99 -9.26 2.85
N HIS A 270 9.93 -8.61 2.41
CA HIS A 270 9.49 -8.72 1.03
C HIS A 270 10.64 -8.33 0.11
N SER A 271 11.27 -7.21 0.43
CA SER A 271 12.40 -6.68 -0.33
C SER A 271 13.49 -7.73 -0.57
N LYS A 272 13.75 -8.57 0.43
CA LYS A 272 14.77 -9.62 0.31
C LYS A 272 14.31 -10.74 -0.61
N GLN A 273 13.11 -11.24 -0.36
CA GLN A 273 12.55 -12.30 -1.17
C GLN A 273 12.38 -11.86 -2.62
N TYR A 274 11.95 -10.62 -2.83
CA TYR A 274 11.76 -10.09 -4.18
C TYR A 274 13.10 -9.92 -4.89
N ARG A 275 14.13 -9.49 -4.17
CA ARG A 275 15.45 -9.30 -4.77
C ARG A 275 15.93 -10.64 -5.33
N SER A 276 15.72 -11.70 -4.55
CA SER A 276 16.11 -13.04 -4.95
C SER A 276 15.40 -13.36 -6.25
N LEU A 277 14.08 -13.21 -6.23
CA LEU A 277 13.23 -13.48 -7.38
C LEU A 277 13.68 -12.71 -8.63
N SER A 278 13.76 -11.39 -8.52
CA SER A 278 14.17 -10.55 -9.65
C SER A 278 15.54 -10.92 -10.22
N PHE A 279 16.42 -11.51 -9.41
CA PHE A 279 17.73 -11.88 -9.92
C PHE A 279 17.69 -13.07 -10.88
N GLN A 280 16.61 -13.86 -10.81
CA GLN A 280 16.45 -15.00 -11.69
C GLN A 280 15.59 -14.60 -12.90
N PRO A 281 16.24 -14.39 -14.06
CA PRO A 281 15.55 -13.98 -15.29
C PRO A 281 14.36 -14.82 -15.71
N GLU A 282 14.33 -16.09 -15.35
CA GLU A 282 13.20 -16.93 -15.72
C GLU A 282 11.95 -16.45 -14.99
N HIS A 283 12.15 -15.81 -13.84
CA HIS A 283 11.04 -15.31 -13.04
C HIS A 283 10.79 -13.83 -13.28
N SER A 284 11.86 -13.04 -13.40
CA SER A 284 11.68 -11.61 -13.64
C SER A 284 10.94 -11.35 -14.96
N MET A 285 11.05 -12.29 -15.90
CA MET A 285 10.39 -12.14 -17.20
C MET A 285 8.87 -12.29 -17.08
N GLN A 286 8.43 -12.72 -15.90
CA GLN A 286 7.02 -12.91 -15.60
C GLN A 286 6.42 -11.62 -15.04
N LEU A 287 7.29 -10.79 -14.47
CA LEU A 287 6.89 -9.51 -13.89
C LEU A 287 6.48 -8.51 -14.96
N THR A 288 5.96 -7.36 -14.55
CA THR A 288 5.56 -6.33 -15.50
C THR A 288 6.58 -5.19 -15.48
N PRO A 289 6.68 -4.45 -16.59
CA PRO A 289 7.62 -3.32 -16.66
C PRO A 289 7.51 -2.38 -15.47
N LEU A 290 6.27 -2.12 -15.03
CA LEU A 290 6.05 -1.21 -13.89
C LEU A 290 6.60 -1.80 -12.60
N VAL A 291 6.24 -3.04 -12.31
CA VAL A 291 6.70 -3.71 -11.10
C VAL A 291 8.23 -3.70 -11.04
N LEU A 292 8.85 -4.03 -12.16
CA LEU A 292 10.29 -4.06 -12.24
C LEU A 292 10.90 -2.69 -11.98
N GLU A 293 10.16 -1.65 -12.34
CA GLU A 293 10.66 -0.28 -12.18
C GLU A 293 10.51 0.25 -10.77
N VAL A 294 9.39 -0.07 -10.14
CA VAL A 294 9.14 0.39 -8.78
C VAL A 294 9.95 -0.38 -7.75
N PHE A 295 10.12 -1.67 -7.95
CA PHE A 295 10.85 -2.49 -6.99
C PHE A 295 12.31 -2.69 -7.33
N GLY A 296 12.73 -2.23 -8.50
CA GLY A 296 14.13 -2.36 -8.87
C GLY A 296 14.84 -1.15 -8.28
N SER A 297 16.16 -1.21 -8.16
CA SER A 297 16.90 -0.08 -7.59
C SER A 297 17.65 0.73 -8.64
N GLU A 298 17.14 1.92 -8.96
CA GLU A 298 17.78 2.80 -9.93
C GLU A 298 17.73 4.23 -9.40
N VAL A 299 18.89 4.86 -9.26
CA VAL A 299 18.97 6.22 -8.76
C VAL A 299 18.08 7.15 -9.57
N ARG B 1 16.55 6.35 -13.98
CA ARG B 1 15.64 6.68 -15.12
C ARG B 1 14.21 6.85 -14.64
N HIS B 2 13.43 5.77 -14.71
CA HIS B 2 12.04 5.76 -14.28
C HIS B 2 11.08 6.38 -15.29
N LYS B 3 11.15 5.92 -16.53
CA LYS B 3 10.28 6.42 -17.58
C LYS B 3 8.82 6.39 -17.12
N ILE B 4 8.31 5.17 -17.01
CA ILE B 4 6.94 4.92 -16.61
C ILE B 4 6.47 5.73 -15.39
N LEU B 5 7.21 5.65 -14.29
CA LEU B 5 6.83 6.40 -13.09
C LEU B 5 6.71 7.89 -13.36
N HIS B 6 7.71 8.48 -14.01
CA HIS B 6 7.67 9.90 -14.33
C HIS B 6 6.39 10.18 -15.09
N ARG B 7 6.09 9.32 -16.08
CA ARG B 7 4.90 9.49 -16.91
C ARG B 7 3.60 9.38 -16.13
N LEU B 8 3.51 8.38 -15.25
CA LEU B 8 2.31 8.17 -14.45
C LEU B 8 2.09 9.28 -13.44
N LEU B 9 3.17 9.88 -12.94
CA LEU B 9 3.05 10.99 -12.01
C LEU B 9 2.66 12.20 -12.85
N GLN B 10 2.10 11.90 -14.02
CA GLN B 10 1.63 12.88 -14.99
C GLN B 10 2.45 14.16 -14.95
#